data_7OQL
#
_entry.id   7OQL
#
_cell.length_a   63.900
_cell.length_b   63.900
_cell.length_c   225.090
_cell.angle_alpha   90.000
_cell.angle_beta   90.000
_cell.angle_gamma   120.000
#
_symmetry.space_group_name_H-M   'P 32 2 1'
#
loop_
_entity.id
_entity.type
_entity.pdbx_description
1 polymer 'N6-adenosine-methyltransferase catalytic subunit'
2 polymer 'N6-adenosine-methyltransferase non-catalytic subunit'
3 non-polymer (3~{R})-1-[6-[(phenylmethyl)amino]pyrimidin-4-yl]-3-[[[6-[[(3~{S})-3-propan-2-yl-2-azoniaspiro[3.3]heptan-2-yl]methyl]naphthalen-1-yl]amino]methyl]piperidin-3-ol
4 non-polymer 'ACETATE ION'
5 water water
#
loop_
_entity_poly.entity_id
_entity_poly.type
_entity_poly.pdbx_seq_one_letter_code
_entity_poly.pdbx_strand_id
1 'polypeptide(L)'
;MGHHHHHHSSGRENLYFQGALTQSVGGDSSADRLFPPQWICCDIRYLDVSILGKFAVVMADPPWDIHMELPYGTLTDDEM
RRLNIPVLQDDGFLFLWVTGRAMELGRECLNLWGYERVDEIIWVKTNQLQRIIRTGRTGHWLNHGKEHCLVGVKGNPQGF
NQGLDCDVIVAEVRSTSHKPDEIYGMIERLSPGTRKIELFGRPHNVQPNWITLGNQLDGIHLLDPDVVARFKQRYPDGII
SKPKNL
;
A
2 'polypeptide(L)'
;MLKGTQSLNPHNDYCQHFVDTGHRPQNFIRDVGLADRFEEYPKLRELIRLKDELIAKSNTPPMYLQADIEAFDIRELTPK
FDVILLEPPLEEYYRETGITANEKCWTWDDIMKLEIDEIAAPRSFIFLWCGSGEGLDLGRVCLRKWGYRRCEDICWIKTN
KNNPGKTKTLDPKAVFQRTKEHCLMGIKGTVKRSTDGDFIHANVDIDLIITEEPEIGNIEKPVEIFHIIEHFCLGRRRLH
LFGRDSTIRPGWLTVGPTLTNSNYNAETYASYFSAPNSYLTGCTEEIERL
;
B
#
loop_
_chem_comp.id
_chem_comp.type
_chem_comp.name
_chem_comp.formula
0AE non-polymer (3~{R})-1-[6-[(phenylmethyl)amino]pyrimidin-4-yl]-3-[[[6-[[(3~{S})-3-propan-2-yl-2-azoniaspiro[3.3]heptan-2-yl]methyl]naphthalen-1-yl]amino]methyl]piperidin-3-ol 'C37 H47 N6 O 1'
ACT non-polymer 'ACETATE ION' 'C2 H3 O2 -1'
#
# COMPACT_ATOMS: atom_id res chain seq x y z
N LEU A 34 -8.34 -30.31 -16.00
CA LEU A 34 -8.51 -31.31 -14.94
C LEU A 34 -8.57 -30.68 -13.53
N PHE A 35 -9.76 -30.71 -12.92
CA PHE A 35 -10.06 -29.89 -11.76
C PHE A 35 -9.24 -30.11 -10.47
N PRO A 36 -8.64 -31.26 -10.16
CA PRO A 36 -7.99 -31.41 -8.82
C PRO A 36 -6.58 -30.82 -8.77
N PRO A 37 -5.98 -30.69 -7.58
CA PRO A 37 -4.67 -30.05 -7.47
C PRO A 37 -3.60 -30.71 -8.31
N GLN A 38 -2.64 -29.90 -8.76
CA GLN A 38 -1.55 -30.32 -9.61
C GLN A 38 -0.32 -29.51 -9.24
N TRP A 39 0.85 -30.10 -9.43
CA TRP A 39 2.04 -29.38 -9.04
C TRP A 39 3.29 -29.95 -9.70
N ILE A 40 4.35 -29.14 -9.68
CA ILE A 40 5.60 -29.41 -10.35
C ILE A 40 6.67 -28.87 -9.41
N CYS A 41 7.42 -29.77 -8.77
CA CYS A 41 8.65 -29.39 -8.09
C CYS A 41 9.69 -29.03 -9.14
N CYS A 42 10.30 -27.86 -9.02
CA CYS A 42 11.24 -27.41 -10.03
C CYS A 42 11.93 -26.14 -9.55
N ASP A 43 12.80 -25.64 -10.41
CA ASP A 43 13.39 -24.32 -10.30
C ASP A 43 12.67 -23.44 -11.30
N ILE A 44 11.88 -22.50 -10.79
CA ILE A 44 11.05 -21.71 -11.67
C ILE A 44 11.91 -20.88 -12.62
N ARG A 45 13.21 -20.73 -12.31
CA ARG A 45 14.13 -20.05 -13.22
C ARG A 45 14.29 -20.81 -14.52
N TYR A 46 14.29 -22.14 -14.44
CA TYR A 46 14.70 -22.99 -15.54
C TYR A 46 13.57 -23.84 -16.13
N LEU A 47 12.37 -23.79 -15.56
CA LEU A 47 11.26 -24.53 -16.14
C LEU A 47 10.74 -23.82 -17.39
N ASP A 48 10.51 -24.60 -18.45
CA ASP A 48 9.94 -24.14 -19.71
C ASP A 48 8.44 -24.02 -19.51
N VAL A 49 8.02 -22.88 -18.97
CA VAL A 49 6.62 -22.69 -18.64
C VAL A 49 5.71 -22.63 -19.86
N SER A 50 6.28 -22.59 -21.07
CA SER A 50 5.44 -22.60 -22.26
C SER A 50 4.62 -23.88 -22.36
N ILE A 51 5.03 -24.94 -21.65
CA ILE A 51 4.28 -26.19 -21.67
C ILE A 51 2.98 -26.13 -20.89
N LEU A 52 2.77 -25.08 -20.10
CA LEU A 52 1.66 -25.07 -19.17
C LEU A 52 0.39 -24.45 -19.72
N GLY A 53 0.44 -23.74 -20.86
CA GLY A 53 -0.76 -23.11 -21.37
C GLY A 53 -1.07 -21.78 -20.68
N LYS A 54 -2.27 -21.28 -20.92
CA LYS A 54 -2.63 -19.95 -20.46
C LYS A 54 -3.52 -20.00 -19.22
N PHE A 55 -3.42 -18.96 -18.39
CA PHE A 55 -4.13 -18.95 -17.11
C PHE A 55 -4.92 -17.67 -16.92
N ALA A 56 -6.19 -17.82 -16.53
CA ALA A 56 -7.01 -16.66 -16.20
C ALA A 56 -6.42 -15.86 -15.04
N VAL A 57 -5.76 -16.53 -14.08
CA VAL A 57 -5.11 -15.86 -12.95
C VAL A 57 -3.74 -16.47 -12.74
N VAL A 58 -2.77 -15.60 -12.46
CA VAL A 58 -1.44 -15.99 -12.00
C VAL A 58 -1.22 -15.38 -10.63
N MET A 59 -0.78 -16.19 -9.67
CA MET A 59 -0.36 -15.70 -8.36
C MET A 59 1.08 -16.07 -8.09
N ALA A 60 1.81 -15.13 -7.46
CA ALA A 60 3.21 -15.33 -7.16
C ALA A 60 3.52 -14.77 -5.78
N ASP A 61 4.19 -15.58 -4.95
CA ASP A 61 4.63 -15.15 -3.64
C ASP A 61 6.15 -15.32 -3.59
N PRO A 62 6.89 -14.43 -4.21
CA PRO A 62 8.30 -14.70 -4.50
C PRO A 62 9.14 -14.52 -3.25
N PRO A 63 10.29 -15.22 -3.19
CA PRO A 63 11.26 -15.00 -2.11
C PRO A 63 12.21 -13.85 -2.46
N TRP A 64 11.78 -12.64 -2.12
CA TRP A 64 12.50 -11.46 -2.57
C TRP A 64 13.81 -11.31 -1.83
N ASP A 65 14.86 -10.94 -2.56
CA ASP A 65 16.19 -10.67 -2.00
C ASP A 65 16.17 -9.33 -1.27
N ILE A 66 15.60 -9.36 -0.08
CA ILE A 66 15.48 -8.15 0.72
C ILE A 66 16.35 -8.28 1.97
N GLY A 73 16.58 -19.59 0.02
CA GLY A 73 16.86 -19.71 -1.40
C GLY A 73 16.24 -18.63 -2.29
N THR A 74 16.73 -17.40 -2.17
CA THR A 74 16.13 -16.26 -2.82
C THR A 74 16.59 -16.12 -4.29
N LEU A 75 15.98 -15.16 -4.99
CA LEU A 75 16.34 -14.82 -6.35
C LEU A 75 16.86 -13.40 -6.39
N THR A 76 17.85 -13.14 -7.24
CA THR A 76 18.30 -11.78 -7.39
C THR A 76 17.26 -11.00 -8.19
N ASP A 77 17.44 -9.68 -8.20
CA ASP A 77 16.47 -8.82 -8.87
C ASP A 77 16.46 -9.05 -10.37
N ASP A 78 17.61 -9.38 -10.97
CA ASP A 78 17.59 -9.66 -12.41
C ASP A 78 16.92 -10.98 -12.73
N GLU A 79 16.96 -11.94 -11.79
CA GLU A 79 16.27 -13.19 -12.02
C GLU A 79 14.76 -13.02 -11.92
N MET A 80 14.31 -12.10 -11.07
CA MET A 80 12.87 -11.81 -11.01
C MET A 80 12.40 -11.08 -12.27
N ARG A 81 13.18 -10.11 -12.77
CA ARG A 81 12.81 -9.46 -14.02
C ARG A 81 12.72 -10.45 -15.16
N ARG A 82 13.63 -11.41 -15.20
CA ARG A 82 13.74 -12.24 -16.39
C ARG A 82 12.79 -13.43 -16.39
N LEU A 83 12.08 -13.70 -15.27
CA LEU A 83 11.08 -14.76 -15.23
C LEU A 83 10.13 -14.63 -16.41
N ASN A 84 9.75 -15.76 -16.98
CA ASN A 84 8.93 -15.74 -18.19
C ASN A 84 7.45 -15.72 -17.85
N ILE A 85 7.07 -14.74 -17.02
CA ILE A 85 5.65 -14.48 -16.76
C ILE A 85 4.88 -14.17 -18.04
N PRO A 86 5.38 -13.36 -18.99
CA PRO A 86 4.52 -12.90 -20.10
C PRO A 86 3.87 -13.99 -20.93
N VAL A 87 4.41 -15.20 -20.93
CA VAL A 87 3.85 -16.28 -21.74
C VAL A 87 2.65 -16.93 -21.06
N LEU A 88 2.54 -16.76 -19.74
CA LEU A 88 1.54 -17.50 -18.97
C LEU A 88 0.12 -16.98 -19.21
N GLN A 89 -0.04 -15.72 -19.60
CA GLN A 89 -1.40 -15.19 -19.74
C GLN A 89 -1.55 -14.39 -21.02
N ASP A 90 -2.76 -14.41 -21.56
CA ASP A 90 -3.19 -13.50 -22.61
C ASP A 90 -4.12 -12.43 -22.08
N ASP A 91 -5.13 -12.81 -21.31
CA ASP A 91 -5.99 -11.84 -20.64
C ASP A 91 -6.27 -12.33 -19.22
N GLY A 92 -6.01 -11.48 -18.25
CA GLY A 92 -6.33 -11.86 -16.89
C GLY A 92 -5.50 -11.10 -15.89
N PHE A 93 -5.49 -11.63 -14.66
CA PHE A 93 -5.01 -10.94 -13.49
C PHE A 93 -3.77 -11.61 -12.91
N LEU A 94 -2.93 -10.80 -12.28
CA LEU A 94 -1.76 -11.25 -11.57
C LEU A 94 -1.82 -10.77 -10.13
N PHE A 95 -1.61 -11.69 -9.19
CA PHE A 95 -1.57 -11.39 -7.77
C PHE A 95 -0.15 -11.63 -7.27
N LEU A 96 0.47 -10.55 -6.76
CA LEU A 96 1.92 -10.51 -6.53
C LEU A 96 2.21 -9.98 -5.12
N TRP A 97 2.55 -10.87 -4.22
CA TRP A 97 2.85 -10.45 -2.86
C TRP A 97 4.17 -9.71 -2.85
N VAL A 98 4.24 -8.68 -2.01
CA VAL A 98 5.43 -7.84 -1.91
C VAL A 98 5.63 -7.42 -0.46
N THR A 99 6.84 -6.99 -0.16
CA THR A 99 7.20 -6.55 1.18
C THR A 99 8.44 -5.71 1.04
N GLY A 100 8.66 -4.85 2.02
CA GLY A 100 9.81 -3.96 2.02
C GLY A 100 10.02 -3.30 0.68
N ARG A 101 11.21 -3.48 0.10
CA ARG A 101 11.56 -2.77 -1.12
C ARG A 101 11.05 -3.46 -2.37
N ALA A 102 10.64 -4.73 -2.27
CA ALA A 102 9.91 -5.33 -3.38
C ALA A 102 8.57 -4.65 -3.61
N MET A 103 8.13 -3.77 -2.70
CA MET A 103 6.96 -2.94 -2.95
C MET A 103 7.13 -2.11 -4.20
N GLU A 104 8.33 -1.53 -4.38
CA GLU A 104 8.74 -0.84 -5.60
C GLU A 104 9.16 -1.82 -6.68
N LEU A 105 10.01 -2.78 -6.32
CA LEU A 105 10.55 -3.74 -7.29
C LEU A 105 9.47 -4.63 -7.88
N GLY A 106 8.49 -5.02 -7.07
CA GLY A 106 7.38 -5.79 -7.61
C GLY A 106 6.53 -4.98 -8.57
N ARG A 107 6.48 -3.66 -8.38
CA ARG A 107 5.81 -2.82 -9.35
C ARG A 107 6.61 -2.78 -10.64
N GLU A 108 7.92 -2.91 -10.53
CA GLU A 108 8.79 -2.97 -11.71
C GLU A 108 8.54 -4.25 -12.48
N CYS A 109 8.75 -5.40 -11.84
CA CYS A 109 8.44 -6.67 -12.51
C CYS A 109 7.03 -6.68 -13.07
N LEU A 110 6.07 -6.16 -12.31
CA LEU A 110 4.68 -6.18 -12.74
C LEU A 110 4.50 -5.44 -14.05
N ASN A 111 5.13 -4.27 -14.17
CA ASN A 111 5.04 -3.48 -15.40
C ASN A 111 5.89 -4.09 -16.51
N LEU A 112 7.14 -4.50 -16.19
CA LEU A 112 7.98 -5.14 -17.20
C LEU A 112 7.30 -6.35 -17.81
N TRP A 113 6.56 -7.11 -16.99
CA TRP A 113 5.94 -8.32 -17.49
C TRP A 113 4.69 -8.08 -18.31
N GLY A 114 4.27 -6.80 -18.46
CA GLY A 114 3.14 -6.45 -19.27
C GLY A 114 1.85 -6.15 -18.54
N TYR A 115 1.89 -5.93 -17.24
CA TYR A 115 0.69 -5.70 -16.46
C TYR A 115 0.55 -4.22 -16.10
N GLU A 116 -0.68 -3.79 -15.90
CA GLU A 116 -0.98 -2.54 -15.21
C GLU A 116 -1.45 -2.90 -13.79
N ARG A 117 -0.89 -2.23 -12.79
CA ARG A 117 -1.37 -2.47 -11.42
C ARG A 117 -2.71 -1.76 -11.27
N VAL A 118 -3.76 -2.53 -10.96
CA VAL A 118 -5.10 -1.98 -10.86
C VAL A 118 -5.68 -2.03 -9.45
N ASP A 119 -5.08 -2.80 -8.53
CA ASP A 119 -5.59 -2.87 -7.16
C ASP A 119 -4.45 -3.30 -6.26
N GLU A 120 -4.67 -3.20 -4.96
CA GLU A 120 -3.66 -3.65 -4.00
C GLU A 120 -4.42 -4.23 -2.81
N ILE A 121 -4.32 -5.53 -2.63
CA ILE A 121 -4.91 -6.19 -1.47
C ILE A 121 -3.95 -6.06 -0.31
N ILE A 122 -4.48 -5.79 0.88
CA ILE A 122 -3.69 -5.89 2.10
C ILE A 122 -4.36 -6.89 3.02
N TRP A 123 -3.54 -7.67 3.70
CA TRP A 123 -4.00 -8.65 4.68
C TRP A 123 -3.65 -8.15 6.07
N VAL A 124 -4.68 -7.90 6.90
CA VAL A 124 -4.44 -7.50 8.28
C VAL A 124 -4.25 -8.75 9.14
N LYS A 125 -3.04 -8.91 9.69
CA LYS A 125 -2.67 -10.07 10.48
C LYS A 125 -3.24 -9.94 11.89
N THR A 126 -4.07 -10.90 12.29
CA THR A 126 -4.62 -11.01 13.64
C THR A 126 -4.18 -12.32 14.28
N ASN A 127 -4.54 -12.48 15.56
CA ASN A 127 -4.39 -13.74 16.27
C ASN A 127 -5.73 -14.49 16.29
N GLN A 128 -5.82 -15.50 17.16
CA GLN A 128 -7.07 -16.25 17.25
C GLN A 128 -8.18 -15.46 17.93
N LEU A 129 -7.90 -14.27 18.46
CA LEU A 129 -8.87 -13.40 19.12
C LEU A 129 -9.08 -12.07 18.42
N GLN A 130 -8.69 -11.95 17.13
CA GLN A 130 -9.02 -10.81 16.24
C GLN A 130 -8.43 -9.49 16.74
N ARG A 131 -7.21 -9.53 17.26
CA ARG A 131 -6.45 -8.33 17.57
C ARG A 131 -5.18 -8.32 16.72
N ILE A 132 -4.74 -7.12 16.33
CA ILE A 132 -3.65 -7.02 15.36
C ILE A 132 -2.33 -7.38 16.00
N ILE A 133 -1.45 -8.03 15.25
CA ILE A 133 -0.13 -8.43 15.74
C ILE A 133 0.80 -7.23 15.97
N GLY A 139 11.27 -2.26 7.44
CA GLY A 139 10.43 -1.41 8.28
C GLY A 139 10.94 -1.26 9.71
N HIS A 140 11.73 -0.22 9.92
CA HIS A 140 12.30 0.07 11.23
C HIS A 140 11.66 1.29 11.89
N TRP A 141 10.62 1.88 11.28
CA TRP A 141 9.95 3.06 11.83
C TRP A 141 8.60 2.72 12.46
N LEU A 142 7.82 1.87 11.81
CA LEU A 142 6.54 1.43 12.33
C LEU A 142 6.50 -0.09 12.40
N ASN A 143 5.79 -0.59 13.40
CA ASN A 143 5.47 -2.01 13.44
C ASN A 143 4.52 -2.34 12.29
N HIS A 144 4.65 -3.53 11.74
CA HIS A 144 3.94 -3.92 10.53
C HIS A 144 2.78 -4.84 10.87
N GLY A 145 1.56 -4.36 10.62
CA GLY A 145 0.35 -5.11 10.86
C GLY A 145 -0.23 -5.79 9.64
N LYS A 146 0.47 -5.74 8.50
CA LYS A 146 -0.11 -6.17 7.25
C LYS A 146 0.97 -6.68 6.31
N GLU A 147 0.51 -7.43 5.31
CA GLU A 147 1.27 -7.80 4.12
C GLU A 147 0.53 -7.29 2.91
N HIS A 148 1.27 -7.05 1.84
CA HIS A 148 0.73 -6.42 0.64
C HIS A 148 0.75 -7.38 -0.54
N CYS A 149 -0.28 -7.28 -1.38
CA CYS A 149 -0.41 -8.11 -2.57
C CYS A 149 -0.89 -7.21 -3.71
N LEU A 150 0.00 -6.93 -4.65
CA LEU A 150 -0.37 -6.14 -5.81
C LEU A 150 -1.27 -6.95 -6.72
N VAL A 151 -2.23 -6.28 -7.36
CA VAL A 151 -3.13 -6.88 -8.35
C VAL A 151 -2.91 -6.20 -9.70
N GLY A 152 -2.60 -7.00 -10.72
CA GLY A 152 -2.23 -6.49 -12.02
C GLY A 152 -3.12 -7.09 -13.09
N VAL A 153 -3.44 -6.28 -14.10
CA VAL A 153 -4.26 -6.77 -15.20
C VAL A 153 -3.43 -6.76 -16.48
N LYS A 154 -3.69 -7.76 -17.33
CA LYS A 154 -3.04 -7.89 -18.64
C LYS A 154 -4.08 -8.15 -19.70
N GLY A 155 -3.95 -7.45 -20.83
CA GLY A 155 -4.92 -7.65 -21.90
C GLY A 155 -6.27 -7.08 -21.54
N ASN A 156 -7.32 -7.82 -21.93
CA ASN A 156 -8.70 -7.44 -21.64
C ASN A 156 -9.46 -8.66 -21.13
N PRO A 157 -9.51 -8.85 -19.82
CA PRO A 157 -10.24 -10.00 -19.29
C PRO A 157 -11.74 -9.71 -19.24
N GLN A 158 -12.52 -10.72 -19.62
CA GLN A 158 -13.96 -10.58 -19.79
C GLN A 158 -14.68 -11.69 -19.02
N GLY A 159 -15.82 -11.35 -18.44
CA GLY A 159 -16.57 -12.32 -17.68
C GLY A 159 -16.04 -12.58 -16.29
N PHE A 160 -15.30 -11.65 -15.73
CA PHE A 160 -14.85 -11.79 -14.37
C PHE A 160 -15.82 -11.06 -13.47
N ASN A 161 -15.91 -11.53 -12.24
CA ASN A 161 -16.84 -10.94 -11.27
C ASN A 161 -16.12 -9.90 -10.44
N GLN A 162 -15.81 -8.80 -11.10
CA GLN A 162 -15.18 -7.68 -10.41
C GLN A 162 -16.14 -7.10 -9.38
N GLY A 163 -15.59 -6.66 -8.25
CA GLY A 163 -16.36 -5.98 -7.21
C GLY A 163 -16.92 -6.87 -6.11
N LEU A 164 -16.79 -8.20 -6.21
CA LEU A 164 -17.43 -9.08 -5.24
C LEU A 164 -16.75 -9.00 -3.87
N ASP A 165 -15.44 -9.00 -3.85
CA ASP A 165 -14.73 -8.88 -2.59
C ASP A 165 -14.19 -7.47 -2.42
N CYS A 166 -13.70 -7.18 -1.22
CA CYS A 166 -13.07 -5.90 -0.96
C CYS A 166 -11.59 -6.11 -0.67
N ASP A 167 -10.81 -5.04 -0.82
CA ASP A 167 -9.36 -5.14 -0.87
C ASP A 167 -8.71 -5.34 0.50
N VAL A 168 -9.44 -5.75 1.52
CA VAL A 168 -8.86 -6.01 2.84
C VAL A 168 -9.18 -7.43 3.27
N ILE A 169 -8.14 -8.17 3.68
CA ILE A 169 -8.28 -9.50 4.25
C ILE A 169 -7.94 -9.41 5.74
N VAL A 170 -8.76 -10.04 6.57
CA VAL A 170 -8.50 -10.15 8.00
C VAL A 170 -8.59 -11.63 8.32
N ALA A 171 -7.53 -12.17 8.91
CA ALA A 171 -7.38 -13.60 9.04
C ALA A 171 -6.19 -13.88 9.93
N GLU A 172 -6.19 -15.06 10.54
CA GLU A 172 -5.18 -15.40 11.53
C GLU A 172 -3.91 -15.85 10.85
N VAL A 173 -2.77 -15.48 11.45
CA VAL A 173 -1.45 -15.94 11.01
C VAL A 173 -1.32 -17.44 11.22
N ARG A 174 -0.79 -18.14 10.22
CA ARG A 174 -0.43 -19.56 10.35
C ARG A 174 1.09 -19.65 10.46
N SER A 175 1.77 -20.54 9.72
CA SER A 175 3.22 -20.66 9.88
C SER A 175 3.91 -19.36 9.51
N THR A 176 5.24 -19.32 9.64
CA THR A 176 5.98 -18.23 9.03
C THR A 176 5.79 -18.26 7.52
N SER A 177 5.72 -17.08 6.91
CA SER A 177 5.73 -16.93 5.45
C SER A 177 4.55 -17.59 4.76
N HIS A 178 3.46 -17.76 5.48
CA HIS A 178 2.35 -18.61 5.07
C HIS A 178 1.14 -17.73 4.76
N LYS A 179 0.82 -17.57 3.48
CA LYS A 179 -0.24 -16.65 3.07
C LYS A 179 -1.62 -17.24 3.40
N PRO A 180 -2.62 -16.39 3.63
CA PRO A 180 -3.92 -16.87 4.13
C PRO A 180 -4.76 -17.50 3.02
N ASP A 181 -5.47 -18.56 3.39
CA ASP A 181 -6.29 -19.29 2.42
C ASP A 181 -7.44 -18.47 1.86
N GLU A 182 -7.74 -17.31 2.45
CA GLU A 182 -8.86 -16.49 1.99
C GLU A 182 -8.63 -15.97 0.57
N ILE A 183 -7.36 -15.80 0.17
CA ILE A 183 -7.06 -15.26 -1.16
C ILE A 183 -7.60 -16.20 -2.24
N TYR A 184 -7.54 -17.51 -1.98
CA TYR A 184 -8.06 -18.47 -2.96
C TYR A 184 -9.57 -18.33 -3.12
N GLY A 185 -10.30 -18.08 -2.04
CA GLY A 185 -11.73 -17.90 -2.16
C GLY A 185 -12.08 -16.64 -2.93
N MET A 186 -11.35 -15.55 -2.65
CA MET A 186 -11.52 -14.31 -3.41
C MET A 186 -11.18 -14.53 -4.88
N ILE A 187 -10.11 -15.28 -5.17
CA ILE A 187 -9.70 -15.53 -6.55
C ILE A 187 -10.69 -16.47 -7.26
N GLU A 188 -11.32 -17.39 -6.53
CA GLU A 188 -12.35 -18.23 -7.14
C GLU A 188 -13.66 -17.46 -7.37
N ARG A 189 -14.04 -16.57 -6.46
CA ARG A 189 -15.24 -15.78 -6.74
C ARG A 189 -15.00 -14.81 -7.89
N LEU A 190 -13.76 -14.36 -8.09
CA LEU A 190 -13.51 -13.39 -9.15
C LEU A 190 -13.56 -14.05 -10.51
N SER A 191 -13.08 -15.29 -10.60
CA SER A 191 -12.94 -15.99 -11.88
C SER A 191 -13.18 -17.47 -11.61
N PRO A 192 -14.44 -17.88 -11.51
CA PRO A 192 -14.72 -19.27 -11.13
C PRO A 192 -14.50 -20.25 -12.26
N GLY A 193 -13.94 -21.41 -11.90
CA GLY A 193 -13.72 -22.53 -12.79
C GLY A 193 -12.56 -22.42 -13.76
N THR A 194 -11.89 -21.27 -13.84
CA THR A 194 -10.78 -21.08 -14.77
C THR A 194 -9.49 -21.71 -14.23
N ARG A 195 -8.47 -21.75 -15.08
CA ARG A 195 -7.16 -22.29 -14.70
C ARG A 195 -6.31 -21.21 -14.06
N LYS A 196 -5.61 -21.59 -13.00
CA LYS A 196 -4.81 -20.68 -12.22
C LYS A 196 -3.46 -21.32 -11.94
N ILE A 197 -2.43 -20.50 -11.84
CA ILE A 197 -1.09 -21.00 -11.59
C ILE A 197 -0.48 -20.16 -10.48
N GLU A 198 0.14 -20.83 -9.53
CA GLU A 198 0.85 -20.21 -8.43
C GLU A 198 2.33 -20.52 -8.60
N LEU A 199 3.13 -19.47 -8.50
CA LEU A 199 4.58 -19.52 -8.49
C LEU A 199 5.11 -19.39 -7.07
N PHE A 200 6.07 -20.24 -6.72
CA PHE A 200 6.72 -20.28 -5.42
C PHE A 200 5.76 -20.73 -4.32
N GLY A 201 4.79 -21.57 -4.66
CA GLY A 201 3.99 -22.19 -3.63
C GLY A 201 4.77 -23.27 -2.89
N ARG A 202 4.30 -23.60 -1.71
CA ARG A 202 4.72 -24.75 -0.94
C ARG A 202 3.62 -25.80 -0.96
N PRO A 203 3.87 -27.00 -0.40
CA PRO A 203 2.83 -28.05 -0.48
C PRO A 203 1.47 -27.62 0.02
N HIS A 204 1.39 -26.74 1.04
CA HIS A 204 0.09 -26.35 1.58
C HIS A 204 -0.71 -25.45 0.64
N ASN A 205 -0.10 -24.96 -0.44
CA ASN A 205 -0.78 -24.06 -1.35
C ASN A 205 -1.54 -24.80 -2.46
N VAL A 206 -1.44 -26.12 -2.54
CA VAL A 206 -2.03 -26.78 -3.70
C VAL A 206 -3.53 -26.77 -3.53
N GLN A 207 -4.23 -26.31 -4.58
CA GLN A 207 -5.66 -26.08 -4.55
C GLN A 207 -6.28 -26.59 -5.83
N PRO A 208 -7.55 -27.03 -5.79
CA PRO A 208 -8.24 -27.39 -7.03
C PRO A 208 -8.27 -26.22 -8.00
N ASN A 209 -8.25 -26.55 -9.29
CA ASN A 209 -8.13 -25.62 -10.41
C ASN A 209 -6.76 -24.93 -10.47
N TRP A 210 -5.82 -25.25 -9.57
CA TRP A 210 -4.52 -24.58 -9.51
C TRP A 210 -3.37 -25.54 -9.83
N ILE A 211 -2.34 -25.01 -10.48
CA ILE A 211 -1.07 -25.70 -10.68
C ILE A 211 -0.02 -24.95 -9.90
N THR A 212 0.62 -25.61 -8.96
CA THR A 212 1.56 -24.98 -8.07
C THR A 212 2.98 -25.34 -8.51
N LEU A 213 3.84 -24.34 -8.60
CA LEU A 213 5.25 -24.56 -8.88
C LEU A 213 6.02 -24.03 -7.69
N GLY A 214 7.02 -24.80 -7.26
CA GLY A 214 7.94 -24.39 -6.21
C GLY A 214 8.92 -25.50 -5.98
N ASN A 215 10.05 -25.19 -5.35
CA ASN A 215 11.11 -26.19 -5.20
C ASN A 215 11.01 -27.02 -3.93
N GLN A 216 9.96 -26.83 -3.13
CA GLN A 216 9.71 -27.66 -1.94
C GLN A 216 8.46 -28.53 -2.08
N LEU A 217 8.03 -28.76 -3.31
CA LEU A 217 6.89 -29.62 -3.56
C LEU A 217 7.39 -31.04 -3.74
N ASP A 218 6.49 -32.01 -3.56
CA ASP A 218 6.84 -33.42 -3.64
C ASP A 218 6.57 -33.87 -5.08
N GLY A 219 7.58 -33.75 -5.93
CA GLY A 219 7.56 -34.38 -7.23
C GLY A 219 6.76 -33.62 -8.28
N ILE A 220 6.34 -34.37 -9.31
CA ILE A 220 5.52 -33.85 -10.39
C ILE A 220 4.17 -34.54 -10.35
N HIS A 221 3.08 -33.77 -10.18
CA HIS A 221 1.73 -34.34 -10.11
C HIS A 221 0.80 -33.61 -11.08
N LEU A 222 0.62 -34.17 -12.28
CA LEU A 222 -0.07 -33.49 -13.37
C LEU A 222 -1.17 -34.38 -13.94
N LEU A 223 -2.36 -33.80 -14.15
CA LEU A 223 -3.54 -34.56 -14.53
C LEU A 223 -4.23 -34.03 -15.79
N ASP A 224 -4.09 -32.72 -16.08
CA ASP A 224 -4.57 -32.14 -17.33
C ASP A 224 -3.89 -32.84 -18.51
N PRO A 225 -4.64 -33.47 -19.43
CA PRO A 225 -3.99 -34.20 -20.53
C PRO A 225 -3.10 -33.35 -21.42
N ASP A 226 -3.51 -32.14 -21.82
CA ASP A 226 -2.62 -31.30 -22.64
C ASP A 226 -1.32 -31.01 -21.92
N VAL A 227 -1.38 -30.69 -20.63
CA VAL A 227 -0.16 -30.41 -19.87
C VAL A 227 0.73 -31.65 -19.81
N VAL A 228 0.13 -32.80 -19.50
CA VAL A 228 0.87 -34.07 -19.51
C VAL A 228 1.51 -34.29 -20.88
N ALA A 229 0.77 -33.97 -21.95
CA ALA A 229 1.27 -34.14 -23.31
C ALA A 229 2.48 -33.25 -23.57
N ARG A 230 2.33 -31.94 -23.36
CA ARG A 230 3.44 -31.04 -23.62
C ARG A 230 4.60 -31.29 -22.66
N PHE A 231 4.31 -31.79 -21.45
CA PHE A 231 5.38 -32.04 -20.49
C PHE A 231 6.26 -33.22 -20.90
N LYS A 232 5.66 -34.33 -21.35
CA LYS A 232 6.45 -35.45 -21.81
C LYS A 232 7.19 -35.14 -23.12
N GLN A 233 6.58 -34.33 -24.01
CA GLN A 233 7.27 -33.94 -25.24
C GLN A 233 8.54 -33.13 -24.94
N ARG A 234 8.41 -32.08 -24.12
CA ARG A 234 9.55 -31.24 -23.75
C ARG A 234 10.51 -31.92 -22.76
N TYR A 235 10.02 -32.86 -21.96
CA TYR A 235 10.83 -33.49 -20.91
C TYR A 235 10.61 -35.00 -20.94
N PRO A 236 11.24 -35.69 -21.90
CA PRO A 236 10.93 -37.12 -22.10
C PRO A 236 11.46 -38.00 -20.99
N ASP A 237 12.52 -37.57 -20.31
CA ASP A 237 13.08 -38.32 -19.21
C ASP A 237 12.77 -37.66 -17.87
N GLY A 238 11.87 -36.68 -17.84
CA GLY A 238 11.38 -36.13 -16.59
C GLY A 238 12.40 -35.38 -15.77
N ILE A 239 13.41 -34.78 -16.40
CA ILE A 239 14.41 -33.97 -15.71
C ILE A 239 14.36 -32.56 -16.27
N ILE A 240 14.41 -31.56 -15.38
CA ILE A 240 14.34 -30.16 -15.79
C ILE A 240 15.71 -29.48 -15.68
N ASN B 12 -13.12 -18.77 10.60
CA ASN B 12 -14.07 -17.83 10.01
C ASN B 12 -13.45 -17.06 8.83
N ASP B 13 -14.08 -17.17 7.65
CA ASP B 13 -13.67 -16.46 6.42
C ASP B 13 -14.41 -15.13 6.33
N TYR B 14 -13.74 -14.04 6.73
CA TYR B 14 -14.39 -12.74 6.71
C TYR B 14 -14.61 -12.22 5.30
N CYS B 15 -13.85 -12.71 4.32
CA CYS B 15 -14.09 -12.33 2.93
C CYS B 15 -15.38 -12.95 2.42
N GLN B 16 -15.58 -14.23 2.71
CA GLN B 16 -16.88 -14.85 2.43
C GLN B 16 -17.99 -14.15 3.20
N HIS B 17 -17.71 -13.78 4.45
CA HIS B 17 -18.73 -13.09 5.22
C HIS B 17 -19.08 -11.74 4.60
N PHE B 18 -18.09 -11.00 4.09
CA PHE B 18 -18.40 -9.71 3.45
C PHE B 18 -19.22 -9.92 2.18
N VAL B 19 -18.91 -10.99 1.44
CA VAL B 19 -19.69 -11.33 0.25
C VAL B 19 -21.13 -11.66 0.66
N ASP B 20 -21.29 -12.25 1.85
CA ASP B 20 -22.62 -12.60 2.35
C ASP B 20 -23.41 -11.37 2.80
N THR B 21 -22.82 -10.56 3.70
CA THR B 21 -23.55 -9.59 4.51
C THR B 21 -23.22 -8.13 4.28
N GLY B 22 -22.23 -7.80 3.44
CA GLY B 22 -21.83 -6.42 3.25
C GLY B 22 -21.01 -5.80 4.37
N HIS B 23 -20.65 -6.57 5.39
CA HIS B 23 -19.76 -6.11 6.46
C HIS B 23 -18.31 -6.38 6.07
N ARG B 24 -17.54 -5.31 5.88
CA ARG B 24 -16.15 -5.45 5.49
C ARG B 24 -15.36 -6.21 6.55
N PRO B 25 -14.35 -6.99 6.15
CA PRO B 25 -13.61 -7.77 7.15
C PRO B 25 -13.04 -6.94 8.28
N GLN B 26 -12.65 -5.68 8.02
CA GLN B 26 -12.06 -4.85 9.07
C GLN B 26 -13.06 -4.49 10.17
N ASN B 27 -14.36 -4.63 9.91
CA ASN B 27 -15.38 -4.39 10.92
C ASN B 27 -15.17 -5.26 12.16
N PHE B 28 -14.42 -6.35 12.04
CA PHE B 28 -14.34 -7.35 13.11
C PHE B 28 -12.99 -7.35 13.81
N ILE B 29 -12.11 -6.39 13.49
CA ILE B 29 -10.88 -6.24 14.26
C ILE B 29 -11.21 -5.64 15.62
N ARG B 30 -10.76 -6.31 16.67
CA ARG B 30 -11.00 -5.83 18.03
C ARG B 30 -9.86 -4.93 18.49
N ASP B 31 -10.20 -4.02 19.42
CA ASP B 31 -9.26 -3.05 19.96
C ASP B 31 -8.68 -2.18 18.84
N VAL B 32 -9.58 -1.49 18.14
CA VAL B 32 -9.24 -0.72 16.95
C VAL B 32 -10.21 0.42 16.70
N GLU B 46 0.33 3.92 29.50
CA GLU B 46 1.75 3.61 29.54
C GLU B 46 2.56 4.88 29.68
N LEU B 47 3.81 4.82 29.24
CA LEU B 47 4.67 5.99 29.20
C LEU B 47 4.42 6.84 27.96
N ILE B 48 3.65 6.35 26.99
CA ILE B 48 3.30 7.12 25.80
C ILE B 48 2.69 8.46 26.20
N ARG B 49 2.10 8.55 27.39
CA ARG B 49 1.50 9.80 27.83
C ARG B 49 2.54 10.89 28.02
N LEU B 50 3.69 10.55 28.61
CA LEU B 50 4.74 11.54 28.84
C LEU B 50 5.30 12.08 27.54
N LYS B 51 5.56 11.21 26.56
CA LYS B 51 6.05 11.65 25.25
C LYS B 51 5.06 12.62 24.61
N ASP B 52 3.76 12.32 24.72
CA ASP B 52 2.74 13.23 24.19
C ASP B 52 2.80 14.60 24.89
N GLU B 53 3.14 14.63 26.18
CA GLU B 53 3.25 15.91 26.87
C GLU B 53 4.48 16.67 26.41
N LEU B 54 5.58 15.96 26.16
CA LEU B 54 6.78 16.62 25.66
C LEU B 54 6.57 17.17 24.27
N ILE B 55 5.89 16.42 23.41
CA ILE B 55 5.48 16.94 22.13
C ILE B 55 4.69 18.22 22.30
N ALA B 56 3.75 18.23 23.25
CA ALA B 56 2.84 19.36 23.40
C ALA B 56 3.52 20.59 24.00
N LYS B 57 4.50 20.40 24.89
CA LYS B 57 5.27 21.55 25.38
C LYS B 57 6.24 22.05 24.31
N SER B 58 6.68 21.16 23.42
CA SER B 58 7.63 21.51 22.37
C SER B 58 6.97 22.28 21.22
N ASN B 59 5.67 22.06 20.99
CA ASN B 59 5.01 22.55 19.78
C ASN B 59 5.10 24.06 19.63
N THR B 60 5.48 24.51 18.42
CA THR B 60 5.36 25.92 18.04
C THR B 60 3.89 26.33 18.05
N PRO B 61 3.60 27.62 18.22
CA PRO B 61 2.24 28.10 17.96
C PRO B 61 1.78 27.66 16.57
N PRO B 62 0.54 27.24 16.40
CA PRO B 62 0.09 26.89 15.05
C PRO B 62 0.21 28.10 14.13
N MET B 63 0.65 27.86 12.90
CA MET B 63 0.72 28.91 11.90
C MET B 63 0.10 28.39 10.61
N TYR B 64 -0.45 29.31 9.81
CA TYR B 64 -1.32 28.92 8.71
C TYR B 64 -1.28 30.06 7.70
N LEU B 65 -1.56 29.72 6.43
CA LEU B 65 -1.44 30.69 5.34
C LEU B 65 -2.30 30.23 4.19
N GLN B 66 -3.30 31.03 3.82
CA GLN B 66 -4.03 30.78 2.59
C GLN B 66 -3.11 31.02 1.41
N ALA B 67 -3.10 30.09 0.47
CA ALA B 67 -2.29 30.25 -0.73
C ALA B 67 -2.80 29.29 -1.80
N ASP B 68 -3.04 29.79 -2.99
CA ASP B 68 -3.42 28.94 -4.11
C ASP B 68 -2.13 28.28 -4.59
N ILE B 69 -1.93 27.01 -4.22
CA ILE B 69 -0.60 26.40 -4.27
C ILE B 69 -0.19 26.12 -5.71
N GLU B 70 -1.17 26.00 -6.61
CA GLU B 70 -0.85 25.95 -8.03
C GLU B 70 -0.10 27.20 -8.47
N ALA B 71 -0.51 28.37 -7.98
CA ALA B 71 -0.02 29.66 -8.42
C ALA B 71 1.05 30.23 -7.50
N PHE B 72 1.47 29.46 -6.53
CA PHE B 72 2.23 29.96 -5.40
C PHE B 72 3.67 29.51 -5.54
N ASP B 73 4.62 30.44 -5.42
CA ASP B 73 6.00 30.01 -5.47
C ASP B 73 6.34 29.36 -4.14
N ILE B 74 6.52 28.04 -4.18
CA ILE B 74 6.74 27.26 -2.97
C ILE B 74 7.92 27.79 -2.18
N ARG B 75 8.91 28.36 -2.86
CA ARG B 75 10.16 28.74 -2.19
C ARG B 75 9.96 29.87 -1.18
N GLU B 76 8.84 30.62 -1.27
CA GLU B 76 8.54 31.59 -0.21
C GLU B 76 8.44 30.94 1.16
N LEU B 77 8.16 29.64 1.23
CA LEU B 77 7.99 28.94 2.51
C LEU B 77 9.35 28.59 3.06
N THR B 78 9.77 29.30 4.08
CA THR B 78 11.04 29.03 4.74
C THR B 78 10.82 28.97 6.25
N PRO B 79 11.75 28.34 6.99
CA PRO B 79 12.97 27.64 6.53
C PRO B 79 12.64 26.30 5.91
N LYS B 80 13.66 25.53 5.51
CA LYS B 80 13.42 24.19 5.00
C LYS B 80 12.83 23.34 6.12
N PHE B 81 11.99 22.36 5.75
CA PHE B 81 11.14 21.65 6.68
C PHE B 81 11.69 20.29 7.07
N ASP B 82 11.42 19.87 8.31
CA ASP B 82 11.80 18.55 8.74
C ASP B 82 10.77 17.50 8.35
N VAL B 83 9.48 17.86 8.34
CA VAL B 83 8.40 16.96 7.98
C VAL B 83 7.49 17.68 6.98
N ILE B 84 7.07 16.98 5.93
CA ILE B 84 6.06 17.49 5.03
C ILE B 84 4.94 16.48 4.91
N LEU B 85 3.73 16.94 5.20
CA LEU B 85 2.48 16.20 5.06
C LEU B 85 1.75 16.81 3.88
N LEU B 86 1.37 15.98 2.94
CA LEU B 86 0.96 16.45 1.62
C LEU B 86 -0.35 15.77 1.32
N GLU B 87 -1.42 16.56 1.19
CA GLU B 87 -2.79 16.03 1.20
C GLU B 87 -3.55 16.61 0.01
N PRO B 88 -3.03 16.44 -1.20
CA PRO B 88 -3.64 17.07 -2.38
C PRO B 88 -5.04 16.53 -2.61
N PRO B 89 -5.94 17.37 -3.06
CA PRO B 89 -7.34 16.95 -3.24
C PRO B 89 -7.59 16.14 -4.49
N LEU B 90 -7.49 14.82 -4.38
CA LEU B 90 -7.68 13.96 -5.53
C LEU B 90 -9.14 13.93 -5.93
N GLU B 91 -9.34 13.84 -7.26
CA GLU B 91 -10.69 13.75 -7.81
C GLU B 91 -11.45 12.55 -7.27
N GLU B 92 -10.73 11.48 -6.89
CA GLU B 92 -11.39 10.30 -6.35
C GLU B 92 -11.97 10.55 -4.95
N TYR B 93 -11.48 11.55 -4.20
CA TYR B 93 -12.12 11.84 -2.91
C TYR B 93 -13.54 12.39 -3.11
N TYR B 94 -13.86 12.86 -4.31
CA TYR B 94 -15.20 13.34 -4.64
C TYR B 94 -15.90 12.31 -5.53
N ARG B 95 -16.31 11.20 -4.88
CA ARG B 95 -17.12 10.17 -5.53
C ARG B 95 -18.48 10.78 -5.91
N GLU B 96 -19.30 11.05 -4.90
CA GLU B 96 -20.58 11.74 -5.10
C GLU B 96 -20.47 13.21 -4.68
N THR B 97 -19.63 13.94 -5.40
CA THR B 97 -19.46 15.38 -5.19
C THR B 97 -18.64 15.98 -6.34
N LYS B 104 -11.57 22.71 -6.78
CA LYS B 104 -10.52 22.34 -7.73
C LYS B 104 -9.80 21.06 -7.31
N CYS B 105 -10.00 19.97 -8.05
CA CYS B 105 -9.23 18.75 -7.82
C CYS B 105 -7.85 18.90 -8.43
N TRP B 106 -6.87 18.20 -7.84
CA TRP B 106 -5.53 18.13 -8.37
C TRP B 106 -5.29 16.75 -8.98
N THR B 107 -4.76 16.72 -10.21
CA THR B 107 -4.31 15.50 -10.85
C THR B 107 -2.92 15.14 -10.36
N TRP B 108 -2.52 13.89 -10.59
CA TRP B 108 -1.16 13.51 -10.25
C TRP B 108 -0.16 14.25 -11.11
N ASP B 109 -0.61 14.70 -12.28
CA ASP B 109 0.12 15.62 -13.13
C ASP B 109 0.50 16.88 -12.36
N ASP B 110 -0.50 17.55 -11.78
CA ASP B 110 -0.25 18.74 -10.98
C ASP B 110 0.64 18.45 -9.79
N ILE B 111 0.38 17.36 -9.08
CA ILE B 111 1.15 17.08 -7.86
C ILE B 111 2.62 16.87 -8.21
N MET B 112 2.88 16.06 -9.24
CA MET B 112 4.25 15.73 -9.63
C MET B 112 5.04 16.99 -10.00
N LYS B 113 4.35 18.06 -10.43
CA LYS B 113 5.07 19.28 -10.78
C LYS B 113 5.40 20.16 -9.59
N LEU B 114 4.92 19.84 -8.39
CA LEU B 114 5.27 20.63 -7.23
C LEU B 114 6.75 20.49 -6.91
N GLU B 115 7.40 21.61 -6.59
CA GLU B 115 8.84 21.61 -6.33
C GLU B 115 9.09 21.28 -4.86
N ILE B 116 8.59 20.13 -4.44
CA ILE B 116 8.66 19.76 -3.03
C ILE B 116 10.09 19.78 -2.51
N ASP B 117 11.05 19.37 -3.35
CA ASP B 117 12.45 19.28 -2.95
C ASP B 117 13.08 20.64 -2.66
N GLU B 118 12.46 21.73 -3.07
CA GLU B 118 13.05 23.05 -2.83
C GLU B 118 12.81 23.55 -1.41
N ILE B 119 11.86 22.96 -0.69
CA ILE B 119 11.56 23.41 0.66
C ILE B 119 11.80 22.32 1.70
N ALA B 120 12.39 21.20 1.31
CA ALA B 120 12.65 20.10 2.22
C ALA B 120 14.08 20.16 2.74
N ALA B 121 14.25 19.88 4.02
CA ALA B 121 15.59 19.87 4.57
C ALA B 121 16.35 18.67 4.02
N PRO B 122 17.70 18.75 4.01
CA PRO B 122 18.49 17.64 3.45
C PRO B 122 18.23 16.30 4.10
N ARG B 123 18.02 16.27 5.42
CA ARG B 123 17.38 15.16 6.11
C ARG B 123 15.98 15.64 6.52
N SER B 124 14.96 14.94 6.03
CA SER B 124 13.57 15.30 6.28
C SER B 124 12.71 14.12 5.86
N PHE B 125 11.41 14.23 6.16
CA PHE B 125 10.44 13.16 5.95
C PHE B 125 9.24 13.72 5.23
N ILE B 126 8.58 12.88 4.43
CA ILE B 126 7.36 13.26 3.74
C ILE B 126 6.30 12.21 4.02
N PHE B 127 5.05 12.65 4.19
CA PHE B 127 3.91 11.77 4.32
C PHE B 127 2.92 12.24 3.26
N LEU B 128 2.69 11.40 2.26
CA LEU B 128 1.92 11.76 1.08
C LEU B 128 0.69 10.86 1.03
N TRP B 129 -0.50 11.47 0.99
CA TRP B 129 -1.73 10.71 0.91
C TRP B 129 -2.01 10.38 -0.55
N CYS B 130 -2.12 9.09 -0.87
CA CYS B 130 -2.11 8.65 -2.24
C CYS B 130 -3.45 8.13 -2.72
N GLY B 131 -4.40 7.95 -1.82
CA GLY B 131 -5.69 7.42 -2.20
C GLY B 131 -5.63 5.92 -2.27
N SER B 132 -6.38 5.34 -3.21
CA SER B 132 -6.28 3.91 -3.46
C SER B 132 -6.20 3.55 -4.95
N GLY B 133 -6.03 4.53 -5.84
CA GLY B 133 -5.90 4.18 -7.24
C GLY B 133 -4.50 4.25 -7.81
N GLU B 134 -4.36 4.90 -8.97
CA GLU B 134 -3.08 5.17 -9.58
C GLU B 134 -2.13 5.94 -8.67
N GLY B 135 -2.65 6.60 -7.63
CA GLY B 135 -1.76 7.29 -6.71
C GLY B 135 -0.79 6.37 -6.00
N LEU B 136 -1.14 5.09 -5.87
CA LEU B 136 -0.23 4.17 -5.21
C LEU B 136 1.04 4.01 -6.01
N ASP B 137 0.97 4.20 -7.33
CA ASP B 137 2.13 4.17 -8.20
C ASP B 137 2.68 5.56 -8.48
N LEU B 138 1.80 6.47 -8.88
CA LEU B 138 2.21 7.83 -9.20
C LEU B 138 2.80 8.53 -7.99
N GLY B 139 2.22 8.31 -6.80
CA GLY B 139 2.78 8.88 -5.57
C GLY B 139 4.16 8.36 -5.25
N ARG B 140 4.45 7.11 -5.63
CA ARG B 140 5.83 6.62 -5.49
C ARG B 140 6.78 7.33 -6.45
N VAL B 141 6.29 7.71 -7.66
CA VAL B 141 7.13 8.41 -8.62
C VAL B 141 7.50 9.78 -8.08
N CYS B 142 6.51 10.49 -7.52
CA CYS B 142 6.77 11.77 -6.86
C CYS B 142 7.84 11.64 -5.79
N LEU B 143 7.67 10.70 -4.84
CA LEU B 143 8.65 10.54 -3.78
C LEU B 143 10.07 10.43 -4.32
N ARG B 144 10.26 9.69 -5.42
CA ARG B 144 11.58 9.60 -6.03
C ARG B 144 11.94 10.87 -6.76
N LYS B 145 10.95 11.53 -7.38
CA LYS B 145 11.24 12.76 -8.08
C LYS B 145 11.77 13.83 -7.13
N TRP B 146 11.16 13.95 -5.95
CA TRP B 146 11.60 14.87 -4.90
C TRP B 146 12.73 14.32 -4.05
N GLY B 147 13.22 13.12 -4.35
CA GLY B 147 14.41 12.60 -3.69
C GLY B 147 14.21 11.79 -2.43
N TYR B 148 13.04 11.24 -2.18
CA TYR B 148 12.85 10.41 -1.00
C TYR B 148 12.80 8.95 -1.40
N ARG B 149 13.19 8.07 -0.48
CA ARG B 149 12.90 6.65 -0.57
C ARG B 149 11.76 6.32 0.40
N ARG B 150 10.90 5.38 0.03
CA ARG B 150 9.76 5.04 0.87
C ARG B 150 10.17 4.04 1.95
N CYS B 151 9.97 4.40 3.22
CA CYS B 151 10.21 3.43 4.30
C CYS B 151 8.95 2.84 4.91
N GLU B 152 7.80 3.50 4.85
CA GLU B 152 6.57 2.92 5.40
C GLU B 152 5.38 3.22 4.49
N ASP B 153 4.43 2.28 4.48
CA ASP B 153 3.17 2.36 3.75
C ASP B 153 2.06 2.28 4.80
N ILE B 154 1.56 3.43 5.24
CA ILE B 154 0.56 3.50 6.32
C ILE B 154 -0.84 3.41 5.71
N CYS B 155 -1.65 2.48 6.21
CA CYS B 155 -2.95 2.16 5.63
C CYS B 155 -4.09 2.62 6.52
N TRP B 156 -4.96 3.47 5.96
CA TRP B 156 -6.23 3.86 6.60
C TRP B 156 -7.31 2.90 6.10
N ILE B 157 -7.62 1.92 6.93
CA ILE B 157 -8.67 0.94 6.64
C ILE B 157 -9.99 1.47 7.18
N LYS B 158 -10.98 1.59 6.31
CA LYS B 158 -12.27 2.24 6.61
C LYS B 158 -13.33 1.19 6.87
N THR B 159 -13.92 1.20 8.07
CA THR B 159 -14.95 0.25 8.43
C THR B 159 -16.33 0.77 8.02
N ASN B 160 -17.25 -0.15 7.78
CA ASN B 160 -18.64 0.19 7.47
C ASN B 160 -19.60 -0.47 8.46
N LYS B 161 -19.32 -0.33 9.76
CA LYS B 161 -20.17 -0.94 10.78
C LYS B 161 -21.56 -0.30 10.79
N ASN B 162 -21.61 1.00 10.55
CA ASN B 162 -22.89 1.71 10.48
C ASN B 162 -23.48 1.73 9.09
N ASN B 163 -22.98 0.91 8.16
CA ASN B 163 -23.64 0.88 6.85
C ASN B 163 -23.17 -0.29 5.98
N PRO B 164 -23.54 -1.55 6.32
CA PRO B 164 -23.28 -2.71 5.46
C PRO B 164 -23.81 -2.54 4.04
N THR B 167 -22.71 -0.53 0.21
CA THR B 167 -22.66 -0.50 -1.25
C THR B 167 -21.58 0.45 -1.78
N LYS B 168 -20.87 0.04 -2.84
CA LYS B 168 -19.80 0.85 -3.43
C LYS B 168 -19.98 0.98 -4.95
N THR B 169 -19.52 2.11 -5.49
CA THR B 169 -19.45 2.32 -6.94
C THR B 169 -17.99 2.24 -7.37
N LEU B 170 -17.67 1.25 -8.21
CA LEU B 170 -16.29 0.88 -8.49
C LEU B 170 -15.66 1.75 -9.57
N ASP B 171 -14.38 2.10 -9.37
CA ASP B 171 -13.56 2.62 -10.48
C ASP B 171 -13.53 1.58 -11.59
N PRO B 172 -13.65 2.00 -12.86
CA PRO B 172 -13.66 1.02 -13.98
C PRO B 172 -12.53 0.02 -13.95
N LYS B 173 -11.31 0.45 -13.59
CA LYS B 173 -10.18 -0.47 -13.53
C LYS B 173 -10.26 -1.42 -12.32
N ALA B 174 -11.02 -1.05 -11.29
CA ALA B 174 -11.01 -1.78 -10.03
C ALA B 174 -11.43 -3.23 -10.21
N VAL B 175 -10.71 -4.12 -9.52
CA VAL B 175 -11.06 -5.52 -9.43
C VAL B 175 -11.85 -5.80 -8.16
N PHE B 176 -11.48 -5.13 -7.08
CA PHE B 176 -12.16 -5.31 -5.82
C PHE B 176 -12.75 -3.98 -5.35
N GLN B 177 -13.66 -4.07 -4.38
CA GLN B 177 -14.17 -2.88 -3.73
C GLN B 177 -13.04 -2.26 -2.93
N ARG B 178 -12.89 -0.94 -3.01
CA ARG B 178 -11.79 -0.26 -2.36
C ARG B 178 -12.27 0.31 -1.02
N THR B 179 -11.64 -0.16 0.07
CA THR B 179 -12.06 0.15 1.42
C THR B 179 -10.94 0.77 2.26
N LYS B 180 -9.94 1.36 1.61
CA LYS B 180 -8.80 1.86 2.34
C LYS B 180 -8.14 2.96 1.54
N GLU B 181 -7.29 3.74 2.22
CA GLU B 181 -6.40 4.71 1.59
C GLU B 181 -4.98 4.48 2.10
N HIS B 182 -3.99 4.93 1.32
CA HIS B 182 -2.57 4.77 1.66
C HIS B 182 -1.91 6.12 1.86
N CYS B 183 -1.18 6.26 2.98
CA CYS B 183 -0.34 7.43 3.23
C CYS B 183 1.10 6.95 3.21
N LEU B 184 1.84 7.34 2.17
CA LEU B 184 3.21 6.85 2.00
C LEU B 184 4.20 7.73 2.75
N MET B 185 5.14 7.07 3.41
CA MET B 185 6.16 7.75 4.21
C MET B 185 7.49 7.71 3.49
N GLY B 186 8.17 8.84 3.44
CA GLY B 186 9.42 8.95 2.71
C GLY B 186 10.49 9.61 3.56
N ILE B 187 11.73 9.14 3.37
CA ILE B 187 12.90 9.70 4.05
C ILE B 187 13.90 10.12 2.97
N LYS B 188 14.54 11.27 3.18
CA LYS B 188 15.69 11.71 2.39
C LYS B 188 16.80 12.06 3.36
N GLY B 189 18.00 11.58 3.08
CA GLY B 189 19.14 11.86 3.94
C GLY B 189 19.39 10.73 4.93
N THR B 190 20.32 11.00 5.85
CA THR B 190 20.78 10.00 6.83
C THR B 190 19.67 9.51 7.75
N VAL B 204 6.76 2.07 18.33
CA VAL B 204 5.59 2.33 19.16
C VAL B 204 4.27 2.21 18.36
N ASP B 205 4.22 2.81 17.18
CA ASP B 205 3.03 2.83 16.34
C ASP B 205 3.07 1.74 15.26
N ILE B 206 1.87 1.36 14.83
CA ILE B 206 1.69 0.39 13.79
C ILE B 206 1.44 1.15 12.49
N ASP B 207 1.51 0.43 11.35
CA ASP B 207 1.25 1.03 10.05
C ASP B 207 -0.20 0.88 9.60
N LEU B 208 -1.16 0.83 10.55
CA LEU B 208 -2.59 0.79 10.24
C LEU B 208 -3.35 1.85 11.02
N ILE B 209 -4.33 2.47 10.37
CA ILE B 209 -5.33 3.31 11.05
C ILE B 209 -6.71 2.77 10.69
N ILE B 210 -7.47 2.36 11.70
CA ILE B 210 -8.82 1.82 11.52
C ILE B 210 -9.81 2.83 12.09
N THR B 211 -10.64 3.39 11.21
CA THR B 211 -11.77 4.23 11.58
C THR B 211 -12.93 3.94 10.64
N GLU B 212 -14.11 4.44 10.99
CA GLU B 212 -15.30 4.25 10.18
C GLU B 212 -15.26 5.19 8.97
N GLU B 213 -15.77 4.69 7.84
CA GLU B 213 -15.77 5.43 6.58
C GLU B 213 -16.51 6.76 6.73
N PRO B 214 -15.86 7.89 6.47
CA PRO B 214 -16.53 9.18 6.66
C PRO B 214 -17.73 9.32 5.74
N GLU B 215 -18.61 10.27 6.09
CA GLU B 215 -19.81 10.52 5.31
C GLU B 215 -19.46 10.97 3.89
N ILE B 216 -20.33 10.64 2.93
CA ILE B 216 -20.04 10.97 1.53
C ILE B 216 -19.69 12.45 1.43
N GLY B 217 -18.67 12.76 0.64
CA GLY B 217 -18.23 14.12 0.46
C GLY B 217 -17.40 14.70 1.60
N ASN B 218 -17.23 13.96 2.69
CA ASN B 218 -16.27 14.33 3.74
C ASN B 218 -14.90 13.77 3.35
N ILE B 219 -13.93 14.66 3.19
CA ILE B 219 -12.64 14.28 2.63
C ILE B 219 -11.54 14.28 3.68
N GLU B 220 -11.88 14.40 4.96
CA GLU B 220 -10.88 14.56 5.99
C GLU B 220 -10.09 13.27 6.19
N LYS B 221 -8.84 13.42 6.46
CA LYS B 221 -8.13 12.20 6.81
C LYS B 221 -8.07 12.06 8.33
N PRO B 222 -8.08 10.82 8.82
CA PRO B 222 -8.00 10.61 10.27
C PRO B 222 -6.87 11.39 10.92
N VAL B 223 -7.21 12.11 11.99
CA VAL B 223 -6.24 12.85 12.76
C VAL B 223 -5.16 11.94 13.39
N GLU B 224 -5.38 10.62 13.37
CA GLU B 224 -4.39 9.68 13.88
C GLU B 224 -3.06 9.77 13.12
N ILE B 225 -3.12 10.11 11.82
CA ILE B 225 -1.88 10.31 11.06
C ILE B 225 -1.02 11.35 11.76
N PHE B 226 -1.63 12.34 12.41
CA PHE B 226 -0.81 13.34 13.10
C PHE B 226 -0.11 12.74 14.31
N HIS B 227 -0.78 11.84 15.02
CA HIS B 227 -0.13 11.26 16.19
C HIS B 227 1.02 10.37 15.76
N ILE B 228 0.81 9.58 14.69
CA ILE B 228 1.91 8.75 14.21
C ILE B 228 3.11 9.62 13.85
N ILE B 229 2.88 10.76 13.20
CA ILE B 229 4.01 11.58 12.80
C ILE B 229 4.69 12.15 14.03
N GLU B 230 3.93 12.82 14.91
CA GLU B 230 4.55 13.47 16.05
C GLU B 230 5.32 12.49 16.94
N HIS B 231 4.88 11.22 16.97
CA HIS B 231 5.57 10.24 17.79
C HIS B 231 6.91 9.80 17.19
N PHE B 232 7.16 10.06 15.91
CA PHE B 232 8.47 9.77 15.34
C PHE B 232 9.55 10.72 15.85
N CYS B 233 9.16 11.90 16.36
CA CYS B 233 10.11 12.88 16.90
C CYS B 233 11.14 13.28 15.85
N LEU B 234 10.65 13.83 14.74
CA LEU B 234 11.47 14.06 13.55
C LEU B 234 11.96 15.48 13.42
N GLY B 235 11.74 16.34 14.40
CA GLY B 235 12.04 17.75 14.26
C GLY B 235 10.78 18.60 14.26
N ARG B 236 10.98 19.90 14.40
CA ARG B 236 9.87 20.78 14.71
C ARG B 236 9.40 21.62 13.54
N ARG B 237 10.13 21.67 12.43
CA ARG B 237 9.65 22.40 11.26
C ARG B 237 8.77 21.44 10.47
N ARG B 238 7.44 21.60 10.64
CA ARG B 238 6.43 20.67 10.13
C ARG B 238 5.45 21.42 9.25
N LEU B 239 5.31 20.98 8.01
CA LEU B 239 4.50 21.66 7.00
C LEU B 239 3.39 20.71 6.55
N HIS B 240 2.17 21.25 6.45
CA HIS B 240 0.98 20.51 5.99
C HIS B 240 0.44 21.21 4.76
N LEU B 241 0.71 20.66 3.58
CA LEU B 241 0.25 21.28 2.35
C LEU B 241 -1.13 20.76 2.01
N PHE B 242 -2.03 21.69 1.69
CA PHE B 242 -3.45 21.44 1.42
C PHE B 242 -4.21 21.11 2.69
N GLY B 243 -3.74 21.56 3.84
CA GLY B 243 -4.59 21.66 5.01
C GLY B 243 -5.77 22.61 4.80
N ARG B 244 -6.66 22.59 5.77
CA ARG B 244 -7.87 23.38 5.80
C ARG B 244 -7.97 23.97 7.21
N ASP B 245 -8.90 24.93 7.39
CA ASP B 245 -9.16 25.50 8.72
C ASP B 245 -9.26 24.41 9.78
N SER B 246 -9.97 23.33 9.45
CA SER B 246 -10.23 22.24 10.34
C SER B 246 -9.03 21.37 10.66
N THR B 247 -7.89 21.57 9.99
CA THR B 247 -6.72 20.74 10.24
C THR B 247 -5.63 21.48 10.98
N ILE B 248 -5.77 22.79 11.19
CA ILE B 248 -4.74 23.57 11.86
C ILE B 248 -4.49 23.00 13.26
N ARG B 249 -3.25 23.08 13.71
CA ARG B 249 -2.85 22.22 14.79
C ARG B 249 -1.58 22.76 15.40
N PRO B 250 -1.42 22.76 16.72
CA PRO B 250 -0.17 23.23 17.31
C PRO B 250 0.99 22.39 16.80
N GLY B 251 2.15 23.03 16.70
CA GLY B 251 3.31 22.34 16.16
C GLY B 251 3.38 22.23 14.64
N TRP B 252 2.47 22.88 13.91
CA TRP B 252 2.38 22.70 12.47
C TRP B 252 2.14 24.02 11.77
N LEU B 253 2.73 24.14 10.58
CA LEU B 253 2.40 25.20 9.63
C LEU B 253 1.51 24.61 8.55
N THR B 254 0.37 25.25 8.30
CA THR B 254 -0.62 24.76 7.35
C THR B 254 -0.77 25.74 6.21
N VAL B 255 -0.69 25.23 4.97
CA VAL B 255 -0.79 26.07 3.77
C VAL B 255 -1.79 25.43 2.82
N GLY B 256 -2.82 26.20 2.42
CA GLY B 256 -3.86 25.65 1.61
C GLY B 256 -4.69 26.72 0.93
N PRO B 257 -5.40 26.33 -0.13
CA PRO B 257 -6.22 27.30 -0.86
C PRO B 257 -7.50 27.70 -0.15
N THR B 258 -8.01 26.88 0.77
CA THR B 258 -9.29 27.17 1.40
C THR B 258 -9.19 27.75 2.81
N LEU B 259 -7.99 27.88 3.39
CA LEU B 259 -7.84 28.60 4.64
C LEU B 259 -8.50 29.96 4.55
N THR B 260 -9.24 30.33 5.60
CA THR B 260 -9.97 31.59 5.58
C THR B 260 -9.21 32.72 6.28
N ASN B 261 -8.20 32.38 7.07
CA ASN B 261 -7.35 33.36 7.73
C ASN B 261 -5.92 32.89 7.63
N SER B 262 -5.01 33.85 7.77
CA SER B 262 -3.58 33.61 7.72
C SER B 262 -2.92 34.37 8.85
N ASN B 263 -1.84 33.79 9.39
CA ASN B 263 -0.98 34.43 10.38
C ASN B 263 0.50 34.23 10.05
N TYR B 264 0.82 33.65 8.89
CA TYR B 264 2.18 33.26 8.58
C TYR B 264 3.07 34.47 8.37
N ASN B 265 4.18 34.50 9.10
CA ASN B 265 5.26 35.43 8.84
C ASN B 265 6.55 34.64 8.87
N ALA B 266 7.28 34.62 7.75
CA ALA B 266 8.47 33.79 7.64
C ALA B 266 9.49 34.12 8.72
N GLU B 267 9.66 35.40 9.03
CA GLU B 267 10.64 35.76 10.04
C GLU B 267 10.17 35.33 11.43
N THR B 268 8.89 35.57 11.77
CA THR B 268 8.35 35.03 13.02
C THR B 268 8.45 33.50 13.07
N TYR B 269 8.16 32.84 11.94
CA TYR B 269 8.20 31.39 11.93
C TYR B 269 9.60 30.87 12.16
N ALA B 270 10.59 31.47 11.50
CA ALA B 270 11.97 31.04 11.70
C ALA B 270 12.47 31.39 13.09
N SER B 271 11.86 32.38 13.74
CA SER B 271 12.23 32.72 15.10
C SER B 271 11.99 31.56 16.07
N TYR B 272 10.97 30.73 15.82
CA TYR B 272 10.69 29.59 16.70
C TYR B 272 11.82 28.57 16.74
N PHE B 273 12.72 28.59 15.76
CA PHE B 273 13.74 27.55 15.64
C PHE B 273 15.15 28.12 15.68
N SER B 274 15.32 29.41 15.91
CA SER B 274 16.66 29.95 16.07
C SER B 274 17.28 29.38 17.35
N ALA B 275 18.61 29.40 17.37
CA ALA B 275 19.36 28.86 18.51
C ALA B 275 18.82 29.48 19.80
N PRO B 276 18.75 28.72 20.91
CA PRO B 276 19.27 27.35 21.04
C PRO B 276 18.27 26.23 20.69
N ASN B 277 17.47 26.39 19.65
CA ASN B 277 16.37 25.46 19.40
C ASN B 277 16.46 24.75 18.06
N SER B 278 17.60 24.88 17.37
CA SER B 278 17.66 24.61 15.92
C SER B 278 17.46 23.15 15.58
N TYR B 279 17.80 22.23 16.50
CA TYR B 279 17.88 20.83 16.17
C TYR B 279 17.00 19.95 17.06
N LEU B 280 16.13 20.55 17.88
CA LEU B 280 15.31 19.78 18.79
C LEU B 280 14.49 18.73 18.02
N THR B 281 14.27 17.57 18.67
CA THR B 281 13.47 16.55 18.02
C THR B 281 11.98 16.87 18.07
N GLY B 282 11.58 17.81 18.92
CA GLY B 282 10.17 17.99 19.19
C GLY B 282 9.65 17.11 20.31
N CYS B 283 10.47 16.19 20.80
CA CYS B 283 10.11 15.28 21.88
C CYS B 283 10.94 15.49 23.14
N THR B 284 11.67 16.60 23.22
CA THR B 284 12.54 16.85 24.37
C THR B 284 12.03 18.09 25.10
N GLU B 285 12.54 18.28 26.33
CA GLU B 285 12.17 19.47 27.10
C GLU B 285 12.76 20.71 26.42
N GLU B 286 12.01 21.82 26.48
CA GLU B 286 12.51 23.06 25.90
C GLU B 286 13.74 23.54 26.67
N ILE B 287 14.65 24.24 25.95
CA ILE B 287 15.89 24.74 26.54
C ILE B 287 15.62 26.12 27.15
N GLU B 288 16.12 26.34 28.36
CA GLU B 288 15.86 27.59 29.11
C GLU B 288 16.70 28.78 28.61
C10 0AE C . 8.51 -18.49 0.79
N12 0AE C . 8.43 -20.56 -0.79
C13 0AE C . 8.80 -21.96 -1.10
C15 0AE C . 11.22 -22.08 -1.05
C17 0AE C . 12.65 -20.66 -2.62
C20 0AE C . 11.72 -21.12 -4.96
C22 0AE C . 11.16 -22.53 -6.97
C24 0AE C . 13.28 -21.11 -7.05
C26 0AE C . 15.72 -20.00 -7.09
C28 0AE C . 16.43 -22.50 -6.35
C01 0AE C . 4.45 -10.60 1.30
C02 0AE C . 5.26 -11.77 0.72
C03 0AE C . 6.43 -11.26 -0.18
C04 0AE C . 5.76 -12.73 1.84
C06 0AE C . 7.43 -14.02 1.63
C07 0AE C . 7.83 -15.52 1.35
C08 0AE C . 7.39 -16.20 0.01
C09 0AE C . 7.73 -17.69 -0.27
C11 0AE C . 8.87 -19.97 0.50
C14 0AE C . 10.10 -21.97 -1.95
C16 0AE C . 12.55 -21.81 -1.59
C18 0AE C . 10.15 -20.69 -2.83
C27 0AE C . 16.62 -20.96 -6.28
C29 0AE C . 17.34 -23.42 -5.54
C30 0AE C . 18.41 -22.85 -4.67
C31 0AE C . 18.59 -21.34 -4.59
C32 0AE C . 17.70 -20.39 -5.39
C33 0AE C . 12.95 -20.63 -5.66
C35 0AE C . 9.67 -20.80 1.54
C36 0AE C . 10.13 -20.17 2.88
C37 0AE C . 9.79 -18.67 3.16
C38 0AE C . 8.97 -17.84 2.11
C39 0AE C . 8.63 -16.32 2.39
C40 0AE C . 5.49 -14.67 2.20
C41 0AE C . 4.65 -13.50 2.27
C42 0AE C . 3.19 -14.00 2.08
C43 0AE C . 2.99 -13.90 3.60
C44 0AE C . 4.30 -13.12 3.73
N05 0AE C . 6.36 -13.94 1.36
N19 0AE C . 11.48 -20.60 -3.59
N21 0AE C . 10.83 -22.06 -5.59
N23 0AE C . 12.38 -22.04 -7.69
N25 0AE C . 14.53 -20.62 -7.77
O34 0AE C . 10.07 -23.12 -2.84
C ACT D . 11.00 4.57 -3.62
O ACT D . 11.71 4.42 -2.57
OXT ACT D . 11.19 4.06 -4.77
CH3 ACT D . 9.68 5.49 -3.52
#